data_4OLR
# 
_entry.id   4OLR 
# 
_audit_conform.dict_name       mmcif_pdbx.dic 
_audit_conform.dict_version    5.387 
_audit_conform.dict_location   http://mmcif.pdb.org/dictionaries/ascii/mmcif_pdbx.dic 
# 
loop_
_database_2.database_id 
_database_2.database_code 
_database_2.pdbx_database_accession 
_database_2.pdbx_DOI 
PDB   4OLR         pdb_00004olr 10.2210/pdb4olr/pdb 
RCSB  RCSB084652   ?            ?                   
WWPDB D_1000084652 ?            ?                   
# 
loop_
_pdbx_audit_revision_history.ordinal 
_pdbx_audit_revision_history.data_content_type 
_pdbx_audit_revision_history.major_revision 
_pdbx_audit_revision_history.minor_revision 
_pdbx_audit_revision_history.revision_date 
1 'Structure model' 1 0 2014-07-02 
2 'Structure model' 1 1 2014-08-06 
3 'Structure model' 1 2 2024-02-28 
# 
_pdbx_audit_revision_details.ordinal             1 
_pdbx_audit_revision_details.revision_ordinal    1 
_pdbx_audit_revision_details.data_content_type   'Structure model' 
_pdbx_audit_revision_details.provider            repository 
_pdbx_audit_revision_details.type                'Initial release' 
_pdbx_audit_revision_details.description         ? 
_pdbx_audit_revision_details.details             ? 
# 
loop_
_pdbx_audit_revision_group.ordinal 
_pdbx_audit_revision_group.revision_ordinal 
_pdbx_audit_revision_group.data_content_type 
_pdbx_audit_revision_group.group 
1 2 'Structure model' 'Database references'  
2 3 'Structure model' 'Data collection'      
3 3 'Structure model' 'Database references'  
4 3 'Structure model' 'Derived calculations' 
# 
loop_
_pdbx_audit_revision_category.ordinal 
_pdbx_audit_revision_category.revision_ordinal 
_pdbx_audit_revision_category.data_content_type 
_pdbx_audit_revision_category.category 
1 3 'Structure model' chem_comp_atom 
2 3 'Structure model' chem_comp_bond 
3 3 'Structure model' database_2     
4 3 'Structure model' struct_site    
# 
loop_
_pdbx_audit_revision_item.ordinal 
_pdbx_audit_revision_item.revision_ordinal 
_pdbx_audit_revision_item.data_content_type 
_pdbx_audit_revision_item.item 
1 3 'Structure model' '_database_2.pdbx_DOI'                
2 3 'Structure model' '_database_2.pdbx_database_accession' 
3 3 'Structure model' '_struct_site.pdbx_auth_asym_id'      
4 3 'Structure model' '_struct_site.pdbx_auth_comp_id'      
5 3 'Structure model' '_struct_site.pdbx_auth_seq_id'       
# 
_pdbx_database_status.entry_id                        4OLR 
_pdbx_database_status.status_code                     REL 
_pdbx_database_status.deposit_site                    RCSB 
_pdbx_database_status.process_site                    RCSB 
_pdbx_database_status.recvd_initial_deposition_date   2014-01-24 
_pdbx_database_status.status_code_sf                  REL 
_pdbx_database_status.status_code_mr                  ? 
_pdbx_database_status.SG_entry                        ? 
_pdbx_database_status.status_code_cs                  ? 
_pdbx_database_status.methods_development_category    ? 
_pdbx_database_status.pdb_format_compatible           Y 
_pdbx_database_status.status_code_nmr_data            ? 
# 
loop_
_audit_author.name 
_audit_author.pdbx_ordinal 
'Sangwan, S.'     1 
'Eisenberg, D.'   2 
'Sawaya, M.R.'    3 
'Do, T.D.'        4 
'Bowers, M.T.'    5 
'Lapointe, N.E.'  6 
'Teplow, D.B.'    7 
'Feinstein, S.C.' 8 
# 
_citation.id                        primary 
_citation.title                     
;Factors that drive Peptide assembly from native to amyloid structures: experimental and theoretical analysis of [leu-5]-enkephalin mutants.
;
_citation.journal_abbrev            J.Phys.Chem.B 
_citation.journal_volume            118 
_citation.page_first                7247 
_citation.page_last                 7256 
_citation.year                      2014 
_citation.journal_id_ASTM           JPCBFK 
_citation.country                   US 
_citation.journal_id_ISSN           1089-5647 
_citation.journal_id_CSD            1278 
_citation.book_publisher            ? 
_citation.pdbx_database_id_PubMed   24915112 
_citation.pdbx_database_id_DOI      10.1021/jp502473s 
# 
loop_
_citation_author.citation_id 
_citation_author.name 
_citation_author.ordinal 
_citation_author.identifier_ORCID 
primary 'Do, T.D.'        1 ? 
primary 'LaPointe, N.E.'  2 ? 
primary 'Sangwan, S.'     3 ? 
primary 'Teplow, D.B.'    4 ? 
primary 'Feinstein, S.C.' 5 ? 
primary 'Sawaya, M.R.'    6 ? 
primary 'Eisenberg, D.S.' 7 ? 
primary 'Bowers, M.T.'    8 ? 
# 
loop_
_entity.id 
_entity.type 
_entity.src_method 
_entity.pdbx_description 
_entity.formula_weight 
_entity.pdbx_number_of_molecules 
_entity.pdbx_ec 
_entity.pdbx_mutation 
_entity.pdbx_fragment 
_entity.details 
1 polymer     syn '[Leu-5]-Enkephalin mutant - YVVFV' 625.755 2 ? G2V,G3V,L5V '[Leu-5]-Enkephalin' ? 
2 non-polymer syn '(4S)-2-METHYL-2,4-PENTANEDIOL'     118.174 1 ? ?           ?                    ? 
3 water       nat water                               18.015  5 ? ?           ?                    ? 
# 
_entity_poly.entity_id                      1 
_entity_poly.type                           'polypeptide(L)' 
_entity_poly.nstd_linkage                   no 
_entity_poly.nstd_monomer                   no 
_entity_poly.pdbx_seq_one_letter_code       YVVFV 
_entity_poly.pdbx_seq_one_letter_code_can   YVVFV 
_entity_poly.pdbx_strand_id                 A,B 
_entity_poly.pdbx_target_identifier         ? 
# 
loop_
_pdbx_entity_nonpoly.entity_id 
_pdbx_entity_nonpoly.name 
_pdbx_entity_nonpoly.comp_id 
2 '(4S)-2-METHYL-2,4-PENTANEDIOL' MPD 
3 water                           HOH 
# 
loop_
_entity_poly_seq.entity_id 
_entity_poly_seq.num 
_entity_poly_seq.mon_id 
_entity_poly_seq.hetero 
1 1 TYR n 
1 2 VAL n 
1 3 VAL n 
1 4 PHE n 
1 5 VAL n 
# 
_pdbx_entity_src_syn.entity_id              1 
_pdbx_entity_src_syn.pdbx_src_id            1 
_pdbx_entity_src_syn.pdbx_alt_source_flag   sample 
_pdbx_entity_src_syn.pdbx_beg_seq_num       ? 
_pdbx_entity_src_syn.pdbx_end_seq_num       ? 
_pdbx_entity_src_syn.organism_scientific    'synthetic construct' 
_pdbx_entity_src_syn.organism_common_name   ? 
_pdbx_entity_src_syn.ncbi_taxonomy_id       32630 
_pdbx_entity_src_syn.details                synthesized 
# 
loop_
_chem_comp.id 
_chem_comp.type 
_chem_comp.mon_nstd_flag 
_chem_comp.name 
_chem_comp.pdbx_synonyms 
_chem_comp.formula 
_chem_comp.formula_weight 
HOH non-polymer         . WATER                           ? 'H2 O'        18.015  
MPD non-polymer         . '(4S)-2-METHYL-2,4-PENTANEDIOL' ? 'C6 H14 O2'   118.174 
PHE 'L-peptide linking' y PHENYLALANINE                   ? 'C9 H11 N O2' 165.189 
TYR 'L-peptide linking' y TYROSINE                        ? 'C9 H11 N O3' 181.189 
VAL 'L-peptide linking' y VALINE                          ? 'C5 H11 N O2' 117.146 
# 
loop_
_pdbx_poly_seq_scheme.asym_id 
_pdbx_poly_seq_scheme.entity_id 
_pdbx_poly_seq_scheme.seq_id 
_pdbx_poly_seq_scheme.mon_id 
_pdbx_poly_seq_scheme.ndb_seq_num 
_pdbx_poly_seq_scheme.pdb_seq_num 
_pdbx_poly_seq_scheme.auth_seq_num 
_pdbx_poly_seq_scheme.pdb_mon_id 
_pdbx_poly_seq_scheme.auth_mon_id 
_pdbx_poly_seq_scheme.pdb_strand_id 
_pdbx_poly_seq_scheme.pdb_ins_code 
_pdbx_poly_seq_scheme.hetero 
A 1 1 TYR 1 -2 -2 TYR TYR A . n 
A 1 2 VAL 2 -1 -1 VAL VAL A . n 
A 1 3 VAL 3 0  0  VAL VAL A . n 
A 1 4 PHE 4 1  1  PHE PHE A . n 
A 1 5 VAL 5 2  2  VAL VAL A . n 
B 1 1 TYR 1 -2 -2 TYR TYR B . n 
B 1 2 VAL 2 -1 -1 VAL VAL B . n 
B 1 3 VAL 3 0  0  VAL VAL B . n 
B 1 4 PHE 4 1  1  PHE PHE B . n 
B 1 5 VAL 5 2  2  VAL VAL B . n 
# 
loop_
_pdbx_nonpoly_scheme.asym_id 
_pdbx_nonpoly_scheme.entity_id 
_pdbx_nonpoly_scheme.mon_id 
_pdbx_nonpoly_scheme.ndb_seq_num 
_pdbx_nonpoly_scheme.pdb_seq_num 
_pdbx_nonpoly_scheme.auth_seq_num 
_pdbx_nonpoly_scheme.pdb_mon_id 
_pdbx_nonpoly_scheme.auth_mon_id 
_pdbx_nonpoly_scheme.pdb_strand_id 
_pdbx_nonpoly_scheme.pdb_ins_code 
C 2 MPD 1 101 1 MPD MPD A . 
D 3 HOH 1 201 3 HOH HOH A . 
D 3 HOH 2 202 4 HOH HOH A . 
D 3 HOH 3 203 5 HOH HOH A . 
E 3 HOH 1 101 1 HOH HOH B . 
E 3 HOH 2 102 2 HOH HOH B . 
# 
loop_
_software.pdbx_ordinal 
_software.name 
_software.version 
_software.date 
_software.type 
_software.contact_author 
_software.contact_author_email 
_software.classification 
_software.location 
_software.language 
_software.citation_id 
1 XSCALE      .          ?               package 'Wolfgang Kabsch' ?                        'data scaling'    
http://www.mpimf-heidelberg.mpg.de/~kabsch/xds/html_doc/xscale_program.html ?   ? 
2 PHENIX      1.8.2_1309 ?               package 'Paul D. Adams'   PDAdams@lbl.gov          refinement        
http://www.phenix-online.org/                                               C++ ? 
3 PDB_EXTRACT 3.14       'Dec. 10, 2013' package PDB               deposit@deposit.rcsb.org 'data extraction' 
http://sw-tools.pdb.org/apps/PDB_EXTRACT/                                   C++ ? 
4 SHELXD      .          ?               ?       ?                 ?                        phasing           ? ?   ? 
# 
_cell.length_a           9.750 
_cell.length_b           21.380 
_cell.length_c           19.050 
_cell.angle_alpha        90.000 
_cell.angle_beta         93.170 
_cell.angle_gamma        90.000 
_cell.entry_id           4OLR 
_cell.pdbx_unique_axis   ? 
_cell.Z_PDB              4 
_cell.length_a_esd       ? 
_cell.length_b_esd       ? 
_cell.length_c_esd       ? 
_cell.angle_alpha_esd    ? 
_cell.angle_beta_esd     ? 
_cell.angle_gamma_esd    ? 
# 
_symmetry.space_group_name_H-M             'P 1 21 1' 
_symmetry.entry_id                         4OLR 
_symmetry.Int_Tables_number                4 
_symmetry.pdbx_full_space_group_name_H-M   ? 
_symmetry.cell_setting                     ? 
_symmetry.space_group_name_Hall            ? 
# 
_exptl.crystals_number   1 
_exptl.entry_id          4OLR 
_exptl.method            'X-RAY DIFFRACTION' 
# 
_exptl_crystal.id                    1 
_exptl_crystal.density_Matthews      1.58 
_exptl_crystal.density_meas          ? 
_exptl_crystal.density_percent_sol   22.35 
_exptl_crystal.description           ? 
_exptl_crystal.F_000                 ? 
_exptl_crystal.preparation           ? 
# 
_exptl_crystal_grow.crystal_id      1 
_exptl_crystal_grow.method          'VAPOR DIFFUSION, HANGING DROP' 
_exptl_crystal_grow.pH              6.5 
_exptl_crystal_grow.temp            298 
_exptl_crystal_grow.pdbx_details    
;reservoir contained 15% MPD, 0.1M Sodium Cacodylate, 0.1M Magnesium Acetate, pH 6.5, vapor diffusion, hanging drop, temperature 298K
;
_exptl_crystal_grow.temp_details    ? 
_exptl_crystal_grow.pdbx_pH_range   ? 
# 
_diffrn.id                     1 
_diffrn.ambient_temp           100 
_diffrn.ambient_temp_details   ? 
_diffrn.crystal_id             1 
# 
_diffrn_detector.diffrn_id              1 
_diffrn_detector.detector               CCD 
_diffrn_detector.type                   'ADSC QUANTUM 315' 
_diffrn_detector.pdbx_collection_date   2013-08-08 
_diffrn_detector.details                ? 
# 
_diffrn_radiation.diffrn_id                        1 
_diffrn_radiation.pdbx_diffrn_protocol             'SINGLE WAVELENGTH' 
_diffrn_radiation.monochromator                    ? 
_diffrn_radiation.wavelength_id                    1 
_diffrn_radiation.pdbx_monochromatic_or_laue_m_l   M 
_diffrn_radiation.pdbx_scattering_type             x-ray 
# 
_diffrn_radiation_wavelength.id           1 
_diffrn_radiation_wavelength.wavelength   0.9791 
_diffrn_radiation_wavelength.wt           1.0 
# 
_diffrn_source.diffrn_id                   1 
_diffrn_source.source                      SYNCHROTRON 
_diffrn_source.type                        'APS BEAMLINE 24-ID-E' 
_diffrn_source.pdbx_wavelength_list        0.9791 
_diffrn_source.pdbx_wavelength             ? 
_diffrn_source.pdbx_synchrotron_site       APS 
_diffrn_source.pdbx_synchrotron_beamline   24-ID-E 
# 
_reflns.entry_id                     4OLR 
_reflns.d_resolution_high            1.100 
_reflns.number_obs                   3191 
_reflns.pdbx_Rmerge_I_obs            0.212 
_reflns.pdbx_netI_over_sigmaI        5.910 
_reflns.percent_possible_obs         98.400 
_reflns.B_iso_Wilson_estimate        5.600 
_reflns.observed_criterion_sigma_I   -3.000 
_reflns.observed_criterion_sigma_F   ? 
_reflns.d_resolution_low             19.02 
_reflns.number_all                   3191 
_reflns.pdbx_Rsym_value              ? 
_reflns.pdbx_redundancy              6.65 
_reflns.R_free_details               ? 
_reflns.limit_h_max                  ? 
_reflns.limit_h_min                  ? 
_reflns.limit_k_max                  ? 
_reflns.limit_k_min                  ? 
_reflns.limit_l_max                  ? 
_reflns.limit_l_min                  ? 
_reflns.observed_criterion_F_max     ? 
_reflns.observed_criterion_F_min     ? 
_reflns.pdbx_chi_squared             ? 
_reflns.pdbx_scaling_rejects         ? 
_reflns.pdbx_ordinal                 1 
_reflns.pdbx_diffrn_id               1 
# 
loop_
_reflns_shell.d_res_high 
_reflns_shell.d_res_low 
_reflns_shell.number_measured_obs 
_reflns_shell.number_measured_all 
_reflns_shell.number_unique_obs 
_reflns_shell.Rmerge_I_obs 
_reflns_shell.meanI_over_sigI_obs 
_reflns_shell.pdbx_Rsym_value 
_reflns_shell.pdbx_chi_squared 
_reflns_shell.pdbx_redundancy 
_reflns_shell.percent_possible_obs 
_reflns_shell.number_unique_all 
_reflns_shell.percent_possible_all 
_reflns_shell.pdbx_ordinal 
_reflns_shell.pdbx_diffrn_id 
1.100 1.130 901  ? 203 0.769 1.500  ? ? ? ? ? 90.200  1  1 
1.130 1.160 1388 ? 232 0.974 1.700  ? ? ? ? ? 97.500  2  1 
1.160 1.190 1505 ? 219 0.867 2.150  ? ? ? ? ? 97.300  3  1 
1.190 1.230 1526 ? 224 0.904 2.000  ? ? ? ? ? 98.700  4  1 
1.230 1.270 1400 ? 200 0.686 2.620  ? ? ? ? ? 97.600  5  1 
1.270 1.320 1358 ? 197 0.559 3.070  ? ? ? ? ? 99.000  6  1 
1.320 1.360 1432 ? 209 0.468 3.720  ? ? ? ? ? 98.600  7  1 
1.360 1.420 1255 ? 182 0.459 3.970  ? ? ? ? ? 99.500  8  1 
1.420 1.480 1252 ? 182 0.405 4.510  ? ? ? ? ? 99.500  9  1 
1.480 1.560 1256 ? 181 0.272 6.050  ? ? ? ? ? 99.500  10 1 
1.560 1.640 1142 ? 164 0.230 6.650  ? ? ? ? ? 100.000 11 1 
1.640 1.740 1086 ? 155 0.209 7.390  ? ? ? ? ? 100.000 12 1 
1.740 1.860 1021 ? 147 0.175 9.100  ? ? ? ? ? 100.000 13 1 
1.860 2.010 1011 ? 148 0.146 10.960 ? ? ? ? ? 100.000 14 1 
2.010 2.200 836  ? 122 0.117 12.150 ? ? ? ? ? 100.000 15 1 
2.200 2.460 808  ? 124 0.096 12.720 ? ? ? ? ? 100.000 16 1 
2.460 2.840 668  ? 98  0.111 13.640 ? ? ? ? ? 100.000 17 1 
2.840 3.480 657  ? 93  0.100 14.760 ? ? ? ? ? 100.000 18 1 
3.480 4.920 506  ? 73  0.099 16.200 ? ? ? ? ? 98.600  19 1 
4.920 ?     236  ? 38  0.095 14.080 ? ? ? ? ? 97.400  20 1 
# 
_refine.entry_id                                 4OLR 
_refine.ls_d_res_high                            1.1000 
_refine.ls_d_res_low                             19.02 
_refine.pdbx_ls_sigma_F                          1.380 
_refine.pdbx_data_cutoff_high_absF               ? 
_refine.pdbx_data_cutoff_low_absF                ? 
_refine.ls_percent_reflns_obs                    98.0500 
_refine.ls_number_reflns_obs                     3170 
_refine.ls_number_reflns_all                     3170 
_refine.pdbx_ls_cross_valid_method               THROUGHOUT 
_refine.pdbx_R_Free_selection_details            Random 
_refine.details                                  ? 
_refine.ls_R_factor_all                          0.1532 
_refine.ls_R_factor_obs                          0.1532 
_refine.ls_R_factor_R_work                       0.1497 
_refine.ls_wR_factor_R_work                      ? 
_refine.ls_R_factor_R_free                       0.1871 
_refine.ls_wR_factor_R_free                      ? 
_refine.ls_percent_reflns_R_free                 9.9700 
_refine.ls_number_reflns_R_free                  316 
_refine.ls_R_factor_R_free_error                 ? 
_refine.B_iso_mean                               8.3600 
_refine.solvent_model_param_bsol                 ? 
_refine.solvent_model_param_ksol                 ? 
_refine.pdbx_isotropic_thermal_model             ? 
_refine.aniso_B[1][1]                            ? 
_refine.aniso_B[2][2]                            ? 
_refine.aniso_B[3][3]                            ? 
_refine.aniso_B[1][2]                            ? 
_refine.aniso_B[1][3]                            ? 
_refine.aniso_B[2][3]                            ? 
_refine.correlation_coeff_Fo_to_Fc               ? 
_refine.correlation_coeff_Fo_to_Fc_free          ? 
_refine.overall_SU_R_Cruickshank_DPI             ? 
_refine.overall_SU_R_free                        ? 
_refine.pdbx_overall_ESU_R                       ? 
_refine.pdbx_overall_ESU_R_Free                  ? 
_refine.overall_SU_ML                            0.0900 
_refine.overall_SU_B                             ? 
_refine.solvent_model_details                    'FLAT BULK SOLVENT MODEL' 
_refine.pdbx_solvent_vdw_probe_radii             1.1100 
_refine.pdbx_solvent_ion_probe_radii             ? 
_refine.pdbx_solvent_shrinkage_radii             0.9000 
_refine.ls_number_parameters                     ? 
_refine.ls_number_restraints                     ? 
_refine.pdbx_starting_model                      ? 
_refine.pdbx_method_to_determine_struct          'AB INITIO PHASING' 
_refine.pdbx_stereochemistry_target_values       ML 
_refine.pdbx_stereochem_target_val_spec_case     ? 
_refine.overall_FOM_work_R_set                   0.8699 
_refine.B_iso_max                                31.870 
_refine.B_iso_min                                3.710 
_refine.pdbx_overall_phase_error                 19.8700 
_refine.occupancy_max                            ? 
_refine.occupancy_min                            ? 
_refine.pdbx_ls_sigma_I                          ? 
_refine.ls_redundancy_reflns_obs                 ? 
_refine.ls_R_factor_R_free_error_details         ? 
_refine.pdbx_data_cutoff_high_rms_absF           ? 
_refine.overall_FOM_free_R_set                   ? 
_refine.pdbx_diffrn_id                           1 
_refine.pdbx_refine_id                           'X-RAY DIFFRACTION' 
_refine.pdbx_TLS_residual_ADP_flag               ? 
_refine.pdbx_overall_SU_R_free_Cruickshank_DPI   ? 
_refine.pdbx_overall_SU_R_Blow_DPI               ? 
_refine.pdbx_overall_SU_R_free_Blow_DPI          ? 
# 
_refine_hist.pdbx_refine_id                   'X-RAY DIFFRACTION' 
_refine_hist.cycle_id                         LAST 
_refine_hist.pdbx_number_atoms_protein        90 
_refine_hist.pdbx_number_atoms_nucleic_acid   0 
_refine_hist.pdbx_number_atoms_ligand         8 
_refine_hist.number_atoms_solvent             5 
_refine_hist.number_atoms_total               103 
_refine_hist.d_res_high                       1.1000 
_refine_hist.d_res_low                        19.02 
# 
loop_
_refine_ls_restr.type 
_refine_ls_restr.number 
_refine_ls_restr.dev_ideal 
_refine_ls_restr.dev_ideal_target 
_refine_ls_restr.weight 
_refine_ls_restr.pdbx_restraint_function 
_refine_ls_restr.pdbx_refine_id 
f_bond_d           99  0.010  ? ? ? 'X-RAY DIFFRACTION' 
f_angle_d          136 1.376  ? ? ? 'X-RAY DIFFRACTION' 
f_chiral_restr     17  0.104  ? ? ? 'X-RAY DIFFRACTION' 
f_plane_restr      14  0.005  ? ? ? 'X-RAY DIFFRACTION' 
f_dihedral_angle_d 28  10.531 ? ? ? 'X-RAY DIFFRACTION' 
# 
loop_
_refine_ls_shell.d_res_high 
_refine_ls_shell.d_res_low 
_refine_ls_shell.pdbx_total_number_of_bins_used 
_refine_ls_shell.percent_reflns_obs 
_refine_ls_shell.number_reflns_R_work 
_refine_ls_shell.R_factor_all 
_refine_ls_shell.R_factor_R_work 
_refine_ls_shell.R_factor_R_free 
_refine_ls_shell.percent_reflns_R_free 
_refine_ls_shell.number_reflns_R_free 
_refine_ls_shell.R_factor_R_free_error 
_refine_ls_shell.number_reflns_all 
_refine_ls_shell.number_reflns_obs 
_refine_ls_shell.redundancy_reflns_obs 
_refine_ls_shell.pdbx_refine_id 
1.1002 1.3861  2 97.0000  1397 . 0.2277 0.2723 . 155 . 1552 . . 'X-RAY DIFFRACTION' 
1.3861 19.0238 2 100.0000 1457 . 0.1140 0.1451 . 161 . 1618 . . 'X-RAY DIFFRACTION' 
# 
_struct.entry_id                  4OLR 
_struct.title                     '[Leu-5]-Enkephalin mutant - YVVFV' 
_struct.pdbx_model_details        ? 
_struct.pdbx_CASP_flag            ? 
_struct.pdbx_model_type_details   ? 
# 
_struct_keywords.entry_id        4OLR 
_struct_keywords.text            'amyloid-like protofibril, PROTEIN FIBRIL' 
_struct_keywords.pdbx_keywords   'PROTEIN FIBRIL' 
# 
loop_
_struct_asym.id 
_struct_asym.pdbx_blank_PDB_chainid_flag 
_struct_asym.pdbx_modified 
_struct_asym.entity_id 
_struct_asym.details 
A N N 1 ? 
B N N 1 ? 
C N N 2 ? 
D N N 3 ? 
E N N 3 ? 
# 
_struct_ref.id                         1 
_struct_ref.db_name                    PDB 
_struct_ref.db_code                    4OLR 
_struct_ref.pdbx_db_accession          4OLR 
_struct_ref.entity_id                  1 
_struct_ref.pdbx_align_begin           ? 
_struct_ref.pdbx_seq_one_letter_code   ? 
_struct_ref.pdbx_db_isoform            ? 
# 
loop_
_struct_ref_seq.align_id 
_struct_ref_seq.ref_id 
_struct_ref_seq.pdbx_PDB_id_code 
_struct_ref_seq.pdbx_strand_id 
_struct_ref_seq.seq_align_beg 
_struct_ref_seq.pdbx_seq_align_beg_ins_code 
_struct_ref_seq.seq_align_end 
_struct_ref_seq.pdbx_seq_align_end_ins_code 
_struct_ref_seq.pdbx_db_accession 
_struct_ref_seq.db_align_beg 
_struct_ref_seq.pdbx_db_align_beg_ins_code 
_struct_ref_seq.db_align_end 
_struct_ref_seq.pdbx_db_align_end_ins_code 
_struct_ref_seq.pdbx_auth_seq_align_beg 
_struct_ref_seq.pdbx_auth_seq_align_end 
1 1 4OLR A 1 ? 5 ? 4OLR -2 ? 2 ? -2 2 
2 1 4OLR B 1 ? 5 ? 4OLR -2 ? 2 ? -2 2 
# 
_pdbx_struct_assembly.id                   1 
_pdbx_struct_assembly.details              author_defined_assembly 
_pdbx_struct_assembly.method_details       ? 
_pdbx_struct_assembly.oligomeric_details   dodecameric 
_pdbx_struct_assembly.oligomeric_count     12 
# 
_pdbx_struct_assembly_gen.assembly_id       1 
_pdbx_struct_assembly_gen.oper_expression   1,2,3,4,5,6 
_pdbx_struct_assembly_gen.asym_id_list      A,B,C,D,E 
# 
loop_
_pdbx_struct_oper_list.id 
_pdbx_struct_oper_list.type 
_pdbx_struct_oper_list.name 
_pdbx_struct_oper_list.symmetry_operation 
_pdbx_struct_oper_list.matrix[1][1] 
_pdbx_struct_oper_list.matrix[1][2] 
_pdbx_struct_oper_list.matrix[1][3] 
_pdbx_struct_oper_list.vector[1] 
_pdbx_struct_oper_list.matrix[2][1] 
_pdbx_struct_oper_list.matrix[2][2] 
_pdbx_struct_oper_list.matrix[2][3] 
_pdbx_struct_oper_list.vector[2] 
_pdbx_struct_oper_list.matrix[3][1] 
_pdbx_struct_oper_list.matrix[3][2] 
_pdbx_struct_oper_list.matrix[3][3] 
_pdbx_struct_oper_list.vector[3] 
1 'identity operation'         1_555 x,y,z         1.0000000000  0.0000000000 0.0000000000  0.0000000000   0.0000000000 1.0000000000  0.0000000000  0.0000000000  0.0000000000  0.0000000000  1.0000000000 0.0000000000  
2 'crystal symmetry operation' 1_655 x+1,y,z       1.0000000000  0.0000000000 0.0000000000  -0.9871833348  0.0000000000 1.0000000000  0.0000000000  9.1072798487  0.0000000000  0.0000000000  1.0000000000 3.3384761225  
3 'crystal symmetry operation' 1_755 x+2,y,z       1.0000000000  0.0000000000 0.0000000000  -1.9743666696  0.0000000000 1.0000000000  0.0000000000  18.2145596975 0.0000000000  0.0000000000  1.0000000000 6.6769522450  
4 'crystal symmetry operation' 2_555 -x,y+1/2,-z   -0.8114818544 0.2190344304 -0.5417758931 -11.8643076630 0.2190344304 -0.7455094757 -0.6294756070 -3.2840655971 -0.5417758931 -0.6294756070 0.5569913301 6.6596725018  
5 'crystal symmetry operation' 2_655 -x+1,y+1/2,-z -0.8114818544 0.2190344304 -0.5417758931 -12.8514909978 0.2190344304 -0.7455094757 -0.6294756070 5.8232142516  -0.5417758931 -0.6294756070 0.5569913301 9.9981486242  
6 'crystal symmetry operation' 2_755 -x+2,y+1/2,-z -0.8114818544 0.2190344304 -0.5417758931 -13.8386743327 0.2190344304 -0.7455094757 -0.6294756070 14.9304941003 -0.5417758931 -0.6294756070 0.5569913301 13.3366247467 
# 
_struct_biol.id        1 
_struct_biol.details   
;;The biological unit is a pair of beta sheets. One sheet is constructed from chains A and B with unit cell translations along the a direction (i.e. X+1,Y,Z; X+2,Y,Z; X+3,Y,Z, etc.). The second sheet is constructed from -X,1/2+Y,-Z; 1-X,1/2+Y,-Z; 2-X,1/2+Y,-Z; etc.)
;
# 
_struct_sheet.id               A 
_struct_sheet.type             ? 
_struct_sheet.number_strands   2 
_struct_sheet.details          ? 
# 
_struct_sheet_order.sheet_id     A 
_struct_sheet_order.range_id_1   1 
_struct_sheet_order.range_id_2   2 
_struct_sheet_order.offset       ? 
_struct_sheet_order.sense        anti-parallel 
# 
loop_
_struct_sheet_range.sheet_id 
_struct_sheet_range.id 
_struct_sheet_range.beg_label_comp_id 
_struct_sheet_range.beg_label_asym_id 
_struct_sheet_range.beg_label_seq_id 
_struct_sheet_range.pdbx_beg_PDB_ins_code 
_struct_sheet_range.end_label_comp_id 
_struct_sheet_range.end_label_asym_id 
_struct_sheet_range.end_label_seq_id 
_struct_sheet_range.pdbx_end_PDB_ins_code 
_struct_sheet_range.beg_auth_comp_id 
_struct_sheet_range.beg_auth_asym_id 
_struct_sheet_range.beg_auth_seq_id 
_struct_sheet_range.end_auth_comp_id 
_struct_sheet_range.end_auth_asym_id 
_struct_sheet_range.end_auth_seq_id 
A 1 VAL A 2 ? PHE A 4 ? VAL A -1 PHE A 1 
A 2 VAL B 2 ? PHE B 4 ? VAL B -1 PHE B 1 
# 
_pdbx_struct_sheet_hbond.sheet_id                A 
_pdbx_struct_sheet_hbond.range_id_1              1 
_pdbx_struct_sheet_hbond.range_id_2              2 
_pdbx_struct_sheet_hbond.range_1_label_atom_id   N 
_pdbx_struct_sheet_hbond.range_1_label_comp_id   PHE 
_pdbx_struct_sheet_hbond.range_1_label_asym_id   A 
_pdbx_struct_sheet_hbond.range_1_label_seq_id    4 
_pdbx_struct_sheet_hbond.range_1_PDB_ins_code    ? 
_pdbx_struct_sheet_hbond.range_1_auth_atom_id    N 
_pdbx_struct_sheet_hbond.range_1_auth_comp_id    PHE 
_pdbx_struct_sheet_hbond.range_1_auth_asym_id    A 
_pdbx_struct_sheet_hbond.range_1_auth_seq_id     1 
_pdbx_struct_sheet_hbond.range_2_label_atom_id   O 
_pdbx_struct_sheet_hbond.range_2_label_comp_id   VAL 
_pdbx_struct_sheet_hbond.range_2_label_asym_id   B 
_pdbx_struct_sheet_hbond.range_2_label_seq_id    2 
_pdbx_struct_sheet_hbond.range_2_PDB_ins_code    ? 
_pdbx_struct_sheet_hbond.range_2_auth_atom_id    O 
_pdbx_struct_sheet_hbond.range_2_auth_comp_id    VAL 
_pdbx_struct_sheet_hbond.range_2_auth_asym_id    B 
_pdbx_struct_sheet_hbond.range_2_auth_seq_id     -1 
# 
_struct_site.id                   AC1 
_struct_site.pdbx_evidence_code   Software 
_struct_site.pdbx_auth_asym_id    A 
_struct_site.pdbx_auth_comp_id    MPD 
_struct_site.pdbx_auth_seq_id     101 
_struct_site.pdbx_auth_ins_code   ? 
_struct_site.pdbx_num_residues    2 
_struct_site.details              'BINDING SITE FOR RESIDUE MPD A 101' 
# 
loop_
_struct_site_gen.id 
_struct_site_gen.site_id 
_struct_site_gen.pdbx_num_res 
_struct_site_gen.label_comp_id 
_struct_site_gen.label_asym_id 
_struct_site_gen.label_seq_id 
_struct_site_gen.pdbx_auth_ins_code 
_struct_site_gen.auth_comp_id 
_struct_site_gen.auth_asym_id 
_struct_site_gen.auth_seq_id 
_struct_site_gen.label_atom_id 
_struct_site_gen.label_alt_id 
_struct_site_gen.symmetry 
_struct_site_gen.details 
1 AC1 2 TYR A 1 ? TYR A -2 . ? 1_555 ? 
2 AC1 2 TYR B 1 ? TYR B -2 . ? 1_455 ? 
# 
loop_
_chem_comp_atom.comp_id 
_chem_comp_atom.atom_id 
_chem_comp_atom.type_symbol 
_chem_comp_atom.pdbx_aromatic_flag 
_chem_comp_atom.pdbx_stereo_config 
_chem_comp_atom.pdbx_ordinal 
HOH O    O N N 1  
HOH H1   H N N 2  
HOH H2   H N N 3  
MPD C1   C N N 4  
MPD C2   C N N 5  
MPD O2   O N N 6  
MPD CM   C N N 7  
MPD C3   C N N 8  
MPD C4   C N S 9  
MPD O4   O N N 10 
MPD C5   C N N 11 
MPD H11  H N N 12 
MPD H12  H N N 13 
MPD H13  H N N 14 
MPD HO2  H N N 15 
MPD HM1  H N N 16 
MPD HM2  H N N 17 
MPD HM3  H N N 18 
MPD H31  H N N 19 
MPD H32  H N N 20 
MPD H4   H N N 21 
MPD HO4  H N N 22 
MPD H51  H N N 23 
MPD H52  H N N 24 
MPD H53  H N N 25 
PHE N    N N N 26 
PHE CA   C N S 27 
PHE C    C N N 28 
PHE O    O N N 29 
PHE CB   C N N 30 
PHE CG   C Y N 31 
PHE CD1  C Y N 32 
PHE CD2  C Y N 33 
PHE CE1  C Y N 34 
PHE CE2  C Y N 35 
PHE CZ   C Y N 36 
PHE OXT  O N N 37 
PHE H    H N N 38 
PHE H2   H N N 39 
PHE HA   H N N 40 
PHE HB2  H N N 41 
PHE HB3  H N N 42 
PHE HD1  H N N 43 
PHE HD2  H N N 44 
PHE HE1  H N N 45 
PHE HE2  H N N 46 
PHE HZ   H N N 47 
PHE HXT  H N N 48 
TYR N    N N N 49 
TYR CA   C N S 50 
TYR C    C N N 51 
TYR O    O N N 52 
TYR CB   C N N 53 
TYR CG   C Y N 54 
TYR CD1  C Y N 55 
TYR CD2  C Y N 56 
TYR CE1  C Y N 57 
TYR CE2  C Y N 58 
TYR CZ   C Y N 59 
TYR OH   O N N 60 
TYR OXT  O N N 61 
TYR H    H N N 62 
TYR H2   H N N 63 
TYR HA   H N N 64 
TYR HB2  H N N 65 
TYR HB3  H N N 66 
TYR HD1  H N N 67 
TYR HD2  H N N 68 
TYR HE1  H N N 69 
TYR HE2  H N N 70 
TYR HH   H N N 71 
TYR HXT  H N N 72 
VAL N    N N N 73 
VAL CA   C N S 74 
VAL C    C N N 75 
VAL O    O N N 76 
VAL CB   C N N 77 
VAL CG1  C N N 78 
VAL CG2  C N N 79 
VAL OXT  O N N 80 
VAL H    H N N 81 
VAL H2   H N N 82 
VAL HA   H N N 83 
VAL HB   H N N 84 
VAL HG11 H N N 85 
VAL HG12 H N N 86 
VAL HG13 H N N 87 
VAL HG21 H N N 88 
VAL HG22 H N N 89 
VAL HG23 H N N 90 
VAL HXT  H N N 91 
# 
loop_
_chem_comp_bond.comp_id 
_chem_comp_bond.atom_id_1 
_chem_comp_bond.atom_id_2 
_chem_comp_bond.value_order 
_chem_comp_bond.pdbx_aromatic_flag 
_chem_comp_bond.pdbx_stereo_config 
_chem_comp_bond.pdbx_ordinal 
HOH O   H1   sing N N 1  
HOH O   H2   sing N N 2  
MPD C1  C2   sing N N 3  
MPD C1  H11  sing N N 4  
MPD C1  H12  sing N N 5  
MPD C1  H13  sing N N 6  
MPD C2  O2   sing N N 7  
MPD C2  CM   sing N N 8  
MPD C2  C3   sing N N 9  
MPD O2  HO2  sing N N 10 
MPD CM  HM1  sing N N 11 
MPD CM  HM2  sing N N 12 
MPD CM  HM3  sing N N 13 
MPD C3  C4   sing N N 14 
MPD C3  H31  sing N N 15 
MPD C3  H32  sing N N 16 
MPD C4  O4   sing N N 17 
MPD C4  C5   sing N N 18 
MPD C4  H4   sing N N 19 
MPD O4  HO4  sing N N 20 
MPD C5  H51  sing N N 21 
MPD C5  H52  sing N N 22 
MPD C5  H53  sing N N 23 
PHE N   CA   sing N N 24 
PHE N   H    sing N N 25 
PHE N   H2   sing N N 26 
PHE CA  C    sing N N 27 
PHE CA  CB   sing N N 28 
PHE CA  HA   sing N N 29 
PHE C   O    doub N N 30 
PHE C   OXT  sing N N 31 
PHE CB  CG   sing N N 32 
PHE CB  HB2  sing N N 33 
PHE CB  HB3  sing N N 34 
PHE CG  CD1  doub Y N 35 
PHE CG  CD2  sing Y N 36 
PHE CD1 CE1  sing Y N 37 
PHE CD1 HD1  sing N N 38 
PHE CD2 CE2  doub Y N 39 
PHE CD2 HD2  sing N N 40 
PHE CE1 CZ   doub Y N 41 
PHE CE1 HE1  sing N N 42 
PHE CE2 CZ   sing Y N 43 
PHE CE2 HE2  sing N N 44 
PHE CZ  HZ   sing N N 45 
PHE OXT HXT  sing N N 46 
TYR N   CA   sing N N 47 
TYR N   H    sing N N 48 
TYR N   H2   sing N N 49 
TYR CA  C    sing N N 50 
TYR CA  CB   sing N N 51 
TYR CA  HA   sing N N 52 
TYR C   O    doub N N 53 
TYR C   OXT  sing N N 54 
TYR CB  CG   sing N N 55 
TYR CB  HB2  sing N N 56 
TYR CB  HB3  sing N N 57 
TYR CG  CD1  doub Y N 58 
TYR CG  CD2  sing Y N 59 
TYR CD1 CE1  sing Y N 60 
TYR CD1 HD1  sing N N 61 
TYR CD2 CE2  doub Y N 62 
TYR CD2 HD2  sing N N 63 
TYR CE1 CZ   doub Y N 64 
TYR CE1 HE1  sing N N 65 
TYR CE2 CZ   sing Y N 66 
TYR CE2 HE2  sing N N 67 
TYR CZ  OH   sing N N 68 
TYR OH  HH   sing N N 69 
TYR OXT HXT  sing N N 70 
VAL N   CA   sing N N 71 
VAL N   H    sing N N 72 
VAL N   H2   sing N N 73 
VAL CA  C    sing N N 74 
VAL CA  CB   sing N N 75 
VAL CA  HA   sing N N 76 
VAL C   O    doub N N 77 
VAL C   OXT  sing N N 78 
VAL CB  CG1  sing N N 79 
VAL CB  CG2  sing N N 80 
VAL CB  HB   sing N N 81 
VAL CG1 HG11 sing N N 82 
VAL CG1 HG12 sing N N 83 
VAL CG1 HG13 sing N N 84 
VAL CG2 HG21 sing N N 85 
VAL CG2 HG22 sing N N 86 
VAL CG2 HG23 sing N N 87 
VAL OXT HXT  sing N N 88 
# 
_atom_sites.entry_id                    4OLR 
_atom_sites.fract_transf_matrix[1][1]   -0.00501808 
_atom_sites.fract_transf_matrix[1][2]   0.09571344 
_atom_sites.fract_transf_matrix[1][3]   0.03694985 
_atom_sites.fract_transf_matrix[2][1]   -0.01436008 
_atom_sites.fract_transf_matrix[2][2]   -0.01668461 
_atom_sites.fract_transf_matrix[2][3]   0.04126894 
_atom_sites.fract_transf_matrix[3][1]   0.04975094 
_atom_sites.fract_transf_matrix[3][2]   -0.00083014 
_atom_sites.fract_transf_matrix[3][3]   0.01697589 
_atom_sites.fract_transf_vector[1]      0.004360 
_atom_sites.fract_transf_vector[2]      0.114276 
_atom_sites.fract_transf_vector[3]      0.237240 
# 
loop_
_atom_type.symbol 
C 
H 
N 
O 
# 
loop_
_atom_site.group_PDB 
_atom_site.id 
_atom_site.type_symbol 
_atom_site.label_atom_id 
_atom_site.label_alt_id 
_atom_site.label_comp_id 
_atom_site.label_asym_id 
_atom_site.label_entity_id 
_atom_site.label_seq_id 
_atom_site.pdbx_PDB_ins_code 
_atom_site.Cartn_x 
_atom_site.Cartn_y 
_atom_site.Cartn_z 
_atom_site.occupancy 
_atom_site.B_iso_or_equiv 
_atom_site.pdbx_formal_charge 
_atom_site.auth_seq_id 
_atom_site.auth_comp_id 
_atom_site.auth_asym_id 
_atom_site.auth_atom_id 
_atom_site.pdbx_PDB_model_num 
ATOM   1   N N    . TYR A 1 1 ? -6.898 -2.594 -3.326 1.00 4.84  ? -2  TYR A N    1 
ATOM   2   C CA   . TYR A 1 1 ? -5.943 -2.404 -2.223 1.00 4.47  ? -2  TYR A CA   1 
ATOM   3   C C    . TYR A 1 1 ? -4.545 -2.722 -2.725 1.00 5.29  ? -2  TYR A C    1 
ATOM   4   O O    . TYR A 1 1 ? -4.334 -3.746 -3.354 1.00 5.42  ? -2  TYR A O    1 
ATOM   5   C CB   . TYR A 1 1 ? -6.324 -3.327 -1.075 1.00 5.48  ? -2  TYR A CB   1 
ATOM   6   C CG   . TYR A 1 1 ? -5.393 -3.266 0.110  1.00 5.56  ? -2  TYR A CG   1 
ATOM   7   C CD1  . TYR A 1 1 ? -4.254 -4.046 0.151  1.00 5.62  ? -2  TYR A CD1  1 
ATOM   8   C CD2  . TYR A 1 1 ? -5.627 -2.392 1.174  1.00 6.93  ? -2  TYR A CD2  1 
ATOM   9   C CE1  . TYR A 1 1 ? -3.404 -4.002 1.226  1.00 7.76  ? -2  TYR A CE1  1 
ATOM   10  C CE2  . TYR A 1 1 ? -4.757 -2.331 2.251  1.00 7.60  ? -2  TYR A CE2  1 
ATOM   11  C CZ   . TYR A 1 1 ? -3.655 -3.135 2.257  1.00 8.22  ? -2  TYR A CZ   1 
ATOM   12  O OH   . TYR A 1 1 ? -2.774 -3.107 3.298  1.00 9.71  ? -2  TYR A OH   1 
ATOM   13  H H1   . TYR A 1 1 ? -7.705 -2.768 -2.992 1.00 5.81  ? -2  TYR A H1   1 
ATOM   14  H H2   . TYR A 1 1 ? -6.934 -1.853 -3.817 1.00 5.81  ? -2  TYR A H2   1 
ATOM   15  H H3   . TYR A 1 1 ? -6.633 -3.275 -3.834 1.00 5.81  ? -2  TYR A H3   1 
ATOM   16  H HA   . TYR A 1 1 ? -5.968 -1.485 -1.913 1.00 5.37  ? -2  TYR A HA   1 
ATOM   17  H HB2  . TYR A 1 1 ? -7.211 -3.088 -0.766 1.00 6.57  ? -2  TYR A HB2  1 
ATOM   18  H HB3  . TYR A 1 1 ? -6.328 -4.242 -1.401 1.00 6.57  ? -2  TYR A HB3  1 
ATOM   19  H HD1  . TYR A 1 1 ? -4.080 -4.637 -0.545 1.00 6.75  ? -2  TYR A HD1  1 
ATOM   20  H HD2  . TYR A 1 1 ? -6.381 -1.848 1.162  1.00 8.32  ? -2  TYR A HD2  1 
ATOM   21  H HE1  . TYR A 1 1 ? -2.643 -4.537 1.241  1.00 9.32  ? -2  TYR A HE1  1 
ATOM   22  H HE2  . TYR A 1 1 ? -4.924 -1.752 2.959  1.00 9.12  ? -2  TYR A HE2  1 
ATOM   23  H HH   . TYR A 1 1 ? -3.023 -2.544 3.870  1.00 11.66 ? -2  TYR A HH   1 
ATOM   24  N N    . VAL A 1 2 ? -3.606 -1.843 -2.429 1.00 4.33  ? -1  VAL A N    1 
ATOM   25  C CA   . VAL A 1 2 ? -2.221 -2.010 -2.790 1.00 5.60  ? -1  VAL A CA   1 
ATOM   26  C C    . VAL A 1 2 ? -1.367 -1.650 -1.586 1.00 4.21  ? -1  VAL A C    1 
ATOM   27  O O    . VAL A 1 2 ? -1.561 -0.598 -0.996 1.00 4.86  ? -1  VAL A O    1 
ATOM   28  C CB   . VAL A 1 2 ? -1.865 -1.070 -3.957 1.00 7.10  ? -1  VAL A CB   1 
ATOM   29  C CG1  . VAL A 1 2 ? -0.409 -1.238 -4.351 1.00 7.91  ? -1  VAL A CG1  1 
ATOM   30  C CG2  . VAL A 1 2 ? -2.790 -1.307 -5.130 1.00 8.46  ? -1  VAL A CG2  1 
ATOM   31  H H    . VAL A 1 2 ? -3.758 -1.113 -2.000 1.00 5.20  ? -1  VAL A H    1 
ATOM   32  H HA   . VAL A 1 2 ? -2.045 -2.928 -3.048 1.00 6.72  ? -1  VAL A HA   1 
ATOM   33  H HB   . VAL A 1 2 ? -1.987 -0.153 -3.666 1.00 8.52  ? -1  VAL A HB   1 
ATOM   34  H HG11 . VAL A 1 2 ? -0.210 -0.638 -5.086 1.00 9.49  ? -1  VAL A HG11 1 
ATOM   35  H HG12 . VAL A 1 2 ? 0.151  -1.025 -3.587 1.00 9.49  ? -1  VAL A HG12 1 
ATOM   36  H HG13 . VAL A 1 2 ? -0.261 -2.157 -4.624 1.00 9.49  ? -1  VAL A HG13 1 
ATOM   37  H HG21 . VAL A 1 2 ? -2.546 -0.705 -5.850 1.00 10.15 ? -1  VAL A HG21 1 
ATOM   38  H HG22 . VAL A 1 2 ? -2.699 -2.227 -5.422 1.00 10.15 ? -1  VAL A HG22 1 
ATOM   39  H HG23 . VAL A 1 2 ? -3.703 -1.137 -4.850 1.00 10.15 ? -1  VAL A HG23 1 
ATOM   40  N N    . VAL A 1 3 ? -0.444 -2.540 -1.226 1.00 4.46  ? 0   VAL A N    1 
ATOM   41  C CA   . VAL A 1 3 ? 0.555  -2.225 -0.214 1.00 4.87  ? 0   VAL A CA   1 
ATOM   42  C C    . VAL A 1 3 ? 1.957  -2.576 -0.703 1.00 5.78  ? 0   VAL A C    1 
ATOM   43  O O    . VAL A 1 3 ? 2.172  -3.628 -1.294 1.00 5.06  ? 0   VAL A O    1 
ATOM   44  C CB   . VAL A 1 3 ? 0.261  -2.949 1.131  1.00 6.75  ? 0   VAL A CB   1 
ATOM   45  C CG1  . VAL A 1 3 ? 0.269  -4.479 0.978  1.00 8.49  ? 0   VAL A CG1  1 
ATOM   46  C CG2  . VAL A 1 3 ? 1.254  -2.489 2.210  1.00 7.93  ? 0   VAL A CG2  1 
ATOM   47  H H    . VAL A 1 3 ? -0.377 -3.332 -1.553 1.00 5.35  ? 0   VAL A H    1 
ATOM   48  H HA   . VAL A 1 3 ? 0.533  -1.271 -0.044 1.00 5.84  ? 0   VAL A HA   1 
ATOM   49  H HB   . VAL A 1 3 ? -0.626 -2.693 1.427  1.00 8.10  ? 0   VAL A HB   1 
ATOM   50  H HG11 . VAL A 1 3 ? 0.081  -4.883 1.839  1.00 10.19 ? 0   VAL A HG11 1 
ATOM   51  H HG12 . VAL A 1 3 ? -0.413 -4.735 0.336  1.00 10.19 ? 0   VAL A HG12 1 
ATOM   52  H HG13 . VAL A 1 3 ? 1.142  -4.760 0.664  1.00 10.19 ? 0   VAL A HG13 1 
ATOM   53  H HG21 . VAL A 1 3 ? 1.055  -2.951 3.040  1.00 9.52  ? 0   VAL A HG21 1 
ATOM   54  H HG22 . VAL A 1 3 ? 2.155  -2.702 1.921  1.00 9.52  ? 0   VAL A HG22 1 
ATOM   55  H HG23 . VAL A 1 3 ? 1.163  -1.531 2.333  1.00 9.52  ? 0   VAL A HG23 1 
ATOM   56  N N    . PHE A 1 4 ? 2.907  -1.690 -0.405 1.00 4.43  ? 1   PHE A N    1 
ATOM   57  C CA   . PHE A 1 4 ? 4.332  -1.937 -0.600 1.00 4.10  ? 1   PHE A CA   1 
ATOM   58  C C    . PHE A 1 4 ? 5.029  -1.711 0.745  1.00 4.16  ? 1   PHE A C    1 
ATOM   59  O O    . PHE A 1 4 ? 4.944  -0.610 1.302  1.00 5.25  ? 1   PHE A O    1 
ATOM   60  C CB   . PHE A 1 4 ? 4.929  -0.949 -1.619 1.00 4.33  ? 1   PHE A CB   1 
ATOM   61  C CG   . PHE A 1 4 ? 4.288  -0.980 -2.979 1.00 4.56  ? 1   PHE A CG   1 
ATOM   62  C CD1  . PHE A 1 4 ? 4.683  -1.877 -3.945 1.00 5.33  ? 1   PHE A CD1  1 
ATOM   63  C CD2  . PHE A 1 4 ? 3.317  -0.076 -3.299 1.00 5.47  ? 1   PHE A CD2  1 
ATOM   64  C CE1  . PHE A 1 4 ? 4.093  -1.866 -5.199 1.00 6.92  ? 1   PHE A CE1  1 
ATOM   65  C CE2  . PHE A 1 4 ? 2.722  -0.073 -4.549 1.00 6.12  ? 1   PHE A CE2  1 
ATOM   66  C CZ   . PHE A 1 4 ? 3.110  -0.973 -5.495 1.00 6.38  ? 1   PHE A CZ   1 
ATOM   67  H H    . PHE A 1 4 ? 2.742  -0.913 -0.078 1.00 5.32  ? 1   PHE A H    1 
ATOM   68  H HA   . PHE A 1 4 ? 4.485  -2.847 -0.897 1.00 4.92  ? 1   PHE A HA   1 
ATOM   69  H HB2  . PHE A 1 4 ? 4.833  -0.049 -1.270 1.00 5.20  ? 1   PHE A HB2  1 
ATOM   70  H HB3  . PHE A 1 4 ? 5.869  -1.155 -1.734 1.00 5.20  ? 1   PHE A HB3  1 
ATOM   71  H HD1  . PHE A 1 4 ? 5.351  -2.496 -3.755 1.00 6.39  ? 1   PHE A HD1  1 
ATOM   72  H HD2  . PHE A 1 4 ? 3.039  0.542  -2.661 1.00 6.57  ? 1   PHE A HD2  1 
ATOM   73  H HE1  . PHE A 1 4 ? 4.360  -2.485 -5.840 1.00 8.30  ? 1   PHE A HE1  1 
ATOM   74  H HE2  . PHE A 1 4 ? 2.055  0.546  -4.744 1.00 7.34  ? 1   PHE A HE2  1 
ATOM   75  H HZ   . PHE A 1 4 ? 2.715  -0.970 -6.336 1.00 7.66  ? 1   PHE A HZ   1 
ATOM   76  N N    . VAL A 1 5 ? 5.701  -2.725 1.267  1.00 4.99  ? 2   VAL A N    1 
ATOM   77  C CA   . VAL A 1 5 ? 6.456  -2.539 2.486  1.00 6.22  ? 2   VAL A CA   1 
ATOM   78  C C    . VAL A 1 5 ? 7.734  -3.352 2.456  1.00 8.25  ? 2   VAL A C    1 
ATOM   79  O O    . VAL A 1 5 ? 7.731  -4.485 1.983  1.00 9.84  ? 2   VAL A O    1 
ATOM   80  C CB   . VAL A 1 5 ? 5.608  -2.824 3.754  1.00 7.39  ? 2   VAL A CB   1 
ATOM   81  C CG1  . VAL A 1 5 ? 5.060  -4.219 3.771  1.00 7.52  ? 2   VAL A CG1  1 
ATOM   82  C CG2  . VAL A 1 5 ? 6.408  -2.535 5.039  1.00 8.25  ? 2   VAL A CG2  1 
ATOM   83  O OXT  . VAL A 1 5 ? 8.766  -2.865 2.912  1.00 7.24  ? 2   VAL A OXT  1 
ATOM   84  H H    . VAL A 1 5 ? 5.735  -3.520 0.938  1.00 5.99  ? 2   VAL A H    1 
ATOM   85  H HA   . VAL A 1 5 ? 6.720  -1.606 2.531  1.00 7.46  ? 2   VAL A HA   1 
ATOM   86  H HB   . VAL A 1 5 ? 4.849  -2.220 3.750  1.00 8.86  ? 2   VAL A HB   1 
ATOM   87  H HG11 . VAL A 1 5 ? 4.541  -4.344 4.580  1.00 9.03  ? 2   VAL A HG11 1 
ATOM   88  H HG12 . VAL A 1 5 ? 4.496  -4.346 2.992  1.00 9.03  ? 2   VAL A HG12 1 
ATOM   89  H HG13 . VAL A 1 5 ? 5.798  -4.848 3.751  1.00 9.03  ? 2   VAL A HG13 1 
ATOM   90  H HG21 . VAL A 1 5 ? 5.847  -2.723 5.808  1.00 9.90  ? 2   VAL A HG21 1 
ATOM   91  H HG22 . VAL A 1 5 ? 7.195  -3.102 5.055  1.00 9.90  ? 2   VAL A HG22 1 
ATOM   92  H HG23 . VAL A 1 5 ? 6.672  -1.602 5.042  1.00 9.90  ? 2   VAL A HG23 1 
ATOM   93  N N    . TYR B 1 1 ? 6.733  2.435  3.665  1.00 5.96  ? -2  TYR B N    1 
ATOM   94  C CA   . TYR B 1 1 ? 5.402  1.766  3.695  1.00 6.51  ? -2  TYR B CA   1 
ATOM   95  C C    . TYR B 1 1 ? 4.443  2.645  2.909  1.00 6.58  ? -2  TYR B C    1 
ATOM   96  O O    . TYR B 1 1 ? 4.319  3.847  3.172  1.00 6.83  ? -2  TYR B O    1 
ATOM   97  C CB   . TYR B 1 1 ? 4.921  1.602  5.130  1.00 6.16  ? -2  TYR B CB   1 
ATOM   98  C CG   . TYR B 1 1 ? 3.588  0.901  5.333  1.00 8.03  ? -2  TYR B CG   1 
ATOM   99  C CD1  . TYR B 1 1 ? 2.389  1.602  5.284  1.00 9.93  ? -2  TYR B CD1  1 
ATOM   100 C CD2  . TYR B 1 1 ? 3.532  -0.451 5.621  1.00 8.24  ? -2  TYR B CD2  1 
ATOM   101 C CE1  . TYR B 1 1 ? 1.164  0.969  5.501  1.00 9.49  ? -2  TYR B CE1  1 
ATOM   102 C CE2  . TYR B 1 1 ? 2.311  -1.089 5.849  1.00 9.20  ? -2  TYR B CE2  1 
ATOM   103 C CZ   . TYR B 1 1 ? 1.133  -0.368 5.789  1.00 9.40  ? -2  TYR B CZ   1 
ATOM   104 O OH   . TYR B 1 1 ? -0.091 -0.970 6.005  1.00 11.21 ? -2  TYR B OH   1 
ATOM   105 H H1   . TYR B 1 1 ? 7.211  2.176  4.369  1.00 7.15  ? -2  TYR B H1   1 
ATOM   106 H H2   . TYR B 1 1 ? 7.160  2.212  2.916  1.00 7.15  ? -2  TYR B H2   1 
ATOM   107 H H3   . TYR B 1 1 ? 6.622  3.318  3.691  1.00 7.15  ? -2  TYR B H3   1 
ATOM   108 H HA   . TYR B 1 1 ? 5.455  0.894  3.274  1.00 7.81  ? -2  TYR B HA   1 
ATOM   109 H HB2  . TYR B 1 1 ? 5.589  1.094  5.616  1.00 7.39  ? -2  TYR B HB2  1 
ATOM   110 H HB3  . TYR B 1 1 ? 4.842  2.486  5.524  1.00 7.39  ? -2  TYR B HB3  1 
ATOM   111 H HD1  . TYR B 1 1 ? 2.403  2.514  5.099  1.00 11.92 ? -2  TYR B HD1  1 
ATOM   112 H HD2  . TYR B 1 1 ? 4.321  -0.940 5.674  1.00 9.89  ? -2  TYR B HD2  1 
ATOM   113 H HE1  . TYR B 1 1 ? 0.373  1.456  5.463  1.00 11.38 ? -2  TYR B HE1  1 
ATOM   114 H HE2  . TYR B 1 1 ? 2.289  -1.999 6.038  1.00 11.05 ? -2  TYR B HE2  1 
ATOM   115 H HH   . TYR B 1 1 ? 0.017  -1.786 6.171  1.00 13.45 ? -2  TYR B HH   1 
ATOM   116 N N    . VAL B 1 2 ? 3.745  2.044  1.959  1.00 4.44  ? -1  VAL B N    1 
ATOM   117 C CA   . VAL B 1 2 ? 2.806  2.763  1.126  1.00 4.98  ? -1  VAL B CA   1 
ATOM   118 C C    . VAL B 1 2 ? 1.563  1.928  0.988  1.00 4.97  ? -1  VAL B C    1 
ATOM   119 O O    . VAL B 1 2 ? 1.654  0.765  0.662  1.00 5.06  ? -1  VAL B O    1 
ATOM   120 C CB   . VAL B 1 2 ? 3.386  2.966  -0.286 1.00 7.49  ? -1  VAL B CB   1 
ATOM   121 C CG1  . VAL B 1 2 ? 2.386  3.692  -1.173 1.00 9.54  ? -1  VAL B CG1  1 
ATOM   122 C CG2  . VAL B 1 2 ? 4.723  3.698  -0.208 1.00 8.76  ? -1  VAL B CG2  1 
ATOM   123 H H    . VAL B 1 2 ? 3.801  1.206  1.777  1.00 5.33  ? -1  VAL B H    1 
ATOM   124 H HA   . VAL B 1 2 ? 2.584  3.621  1.519  1.00 5.98  ? -1  VAL B HA   1 
ATOM   125 H HB   . VAL B 1 2 ? 3.550  2.096  -0.682 1.00 8.99  ? -1  VAL B HB   1 
ATOM   126 H HG11 . VAL B 1 2 ? 2.772  3.809  -2.054 1.00 11.45 ? -1  VAL B HG11 1 
ATOM   127 H HG12 . VAL B 1 2 ? 1.575  3.162  -1.234 1.00 11.45 ? -1  VAL B HG12 1 
ATOM   128 H HG13 . VAL B 1 2 ? 2.187  4.557  -0.781 1.00 11.45 ? -1  VAL B HG13 1 
ATOM   129 H HG21 . VAL B 1 2 ? 5.071  3.816  -1.105 1.00 10.51 ? -1  VAL B HG21 1 
ATOM   130 H HG22 . VAL B 1 2 ? 4.585  4.562  0.210  1.00 10.51 ? -1  VAL B HG22 1 
ATOM   131 H HG23 . VAL B 1 2 ? 5.341  3.169  0.321  1.00 10.51 ? -1  VAL B HG23 1 
ATOM   132 N N    . VAL B 1 3 ? 0.410  2.540  1.209  1.00 3.77  ? 0   VAL B N    1 
ATOM   133 C CA   . VAL B 1 3 ? -0.873 1.901  0.944  1.00 4.66  ? 0   VAL B CA   1 
ATOM   134 C C    . VAL B 1 3 ? -1.764 2.817  0.134  1.00 3.71  ? 0   VAL B C    1 
ATOM   135 O O    . VAL B 1 3 ? -1.861 4.029  0.400  1.00 4.71  ? 0   VAL B O    1 
ATOM   136 C CB   . VAL B 1 3 ? -1.593 1.496  2.249  1.00 7.15  ? 0   VAL B CB   1 
ATOM   137 C CG1  . VAL B 1 3 ? -3.032 1.070  1.988  1.00 7.49  ? 0   VAL B CG1  1 
ATOM   138 C CG2  . VAL B 1 3 ? -0.854 0.353  2.903  1.00 9.55  ? 0   VAL B CG2  1 
ATOM   139 H H    . VAL B 1 3 ? 0.341  3.340  1.519  1.00 4.52  ? 0   VAL B H    1 
ATOM   140 H HA   . VAL B 1 3 ? -0.722 1.096  0.425  1.00 5.59  ? 0   VAL B HA   1 
ATOM   141 H HB   . VAL B 1 3 ? -1.600 2.248  2.862  1.00 8.58  ? 0   VAL B HB   1 
ATOM   142 H HG11 . VAL B 1 3 ? -3.447 0.825  2.831  1.00 8.99  ? 0   VAL B HG11 1 
ATOM   143 H HG12 . VAL B 1 3 ? -3.513 1.811  1.586  1.00 8.99  ? 0   VAL B HG12 1 
ATOM   144 H HG13 . VAL B 1 3 ? -3.032 0.309  1.386  1.00 8.99  ? 0   VAL B HG13 1 
ATOM   145 H HG21 . VAL B 1 3 ? -1.314 0.107  3.721  1.00 11.46 ? 0   VAL B HG21 1 
ATOM   146 H HG22 . VAL B 1 3 ? -0.837 -0.402 2.293  1.00 11.46 ? 0   VAL B HG22 1 
ATOM   147 H HG23 . VAL B 1 3 ? 0.051  0.636  3.105  1.00 11.46 ? 0   VAL B HG23 1 
ATOM   148 N N    . PHE B 1 4 ? -2.408 2.224  -0.874 1.00 3.77  ? 1   PHE B N    1 
ATOM   149 C CA   . PHE B 1 4 ? -3.475 2.887  -1.629 1.00 4.14  ? 1   PHE B CA   1 
ATOM   150 C C    . PHE B 1 4 ? -4.723 2.028  -1.489 1.00 4.54  ? 1   PHE B C    1 
ATOM   151 O O    . PHE B 1 4 ? -4.705 0.869  -1.899 1.00 4.95  ? 1   PHE B O    1 
ATOM   152 C CB   . PHE B 1 4 ? -3.142 2.991  -3.145 1.00 5.40  ? 1   PHE B CB   1 
ATOM   153 C CG   . PHE B 1 4 ? -1.822 3.642  -3.455 1.00 4.70  ? 1   PHE B CG   1 
ATOM   154 C CD1  . PHE B 1 4 ? -1.736 5.015  -3.576 1.00 6.52  ? 1   PHE B CD1  1 
ATOM   155 C CD2  . PHE B 1 4 ? -0.675 2.881  -3.631 1.00 5.16  ? 1   PHE B CD2  1 
ATOM   156 C CE1  . PHE B 1 4 ? -0.512 5.614  -3.856 1.00 5.97  ? 1   PHE B CE1  1 
ATOM   157 C CE2  . PHE B 1 4 ? 0.546  3.481  -3.929 1.00 6.42  ? 1   PHE B CE2  1 
ATOM   158 C CZ   . PHE B 1 4 ? 0.623  4.846  -4.035 1.00 6.91  ? 1   PHE B CZ   1 
ATOM   159 H H    . PHE B 1 4 ? -2.243 1.425  -1.144 1.00 4.53  ? 1   PHE B H    1 
ATOM   160 H HA   . PHE B 1 4 ? -3.647 3.773  -1.272 1.00 4.96  ? 1   PHE B HA   1 
ATOM   161 H HB2  . PHE B 1 4 ? -3.123 2.096  -3.519 1.00 6.47  ? 1   PHE B HB2  1 
ATOM   162 H HB3  . PHE B 1 4 ? -3.835 3.512  -3.579 1.00 6.47  ? 1   PHE B HB3  1 
ATOM   163 H HD1  . PHE B 1 4 ? -2.493 5.541  -3.455 1.00 7.82  ? 1   PHE B HD1  1 
ATOM   164 H HD2  . PHE B 1 4 ? -0.724 1.955  -3.559 1.00 6.19  ? 1   PHE B HD2  1 
ATOM   165 H HE1  . PHE B 1 4 ? -0.460 6.539  -3.936 1.00 7.16  ? 1   PHE B HE1  1 
ATOM   166 H HE2  . PHE B 1 4 ? 1.307  2.960  -4.041 1.00 7.71  ? 1   PHE B HE2  1 
ATOM   167 H HZ   . PHE B 1 4 ? 1.437  5.253  -4.228 1.00 8.29  ? 1   PHE B HZ   1 
ATOM   168 N N    . VAL B 1 5 ? -5.807 2.571  -0.949 1.00 4.50  ? 2   VAL B N    1 
ATOM   169 C CA   . VAL B 1 5 ? -7.041 1.798  -0.796 1.00 5.73  ? 2   VAL B CA   1 
ATOM   170 C C    . VAL B 1 5 ? -8.256 2.701  -0.900 1.00 6.67  ? 2   VAL B C    1 
ATOM   171 O O    . VAL B 1 5 ? -8.196 3.867  -0.507 1.00 8.14  ? 2   VAL B O    1 
ATOM   172 C CB   . VAL B 1 5 ? -7.072 0.994  0.519  1.00 6.07  ? 2   VAL B CB   1 
ATOM   173 C CG1  . VAL B 1 5 ? -7.060 1.911  1.717  1.00 6.65  ? 2   VAL B CG1  1 
ATOM   174 C CG2  . VAL B 1 5 ? -8.318 0.077  0.576  1.00 7.52  ? 2   VAL B CG2  1 
ATOM   175 O OXT  . VAL B 1 5 ? -9.300 2.281  -1.411 1.00 7.40  ? 2   VAL B OXT  1 
ATOM   176 H H    . VAL B 1 5 ? -5.859 3.381  -0.663 1.00 5.40  ? 2   VAL B H    1 
ATOM   177 H HA   . VAL B 1 5 ? -7.093 1.161  -1.525 1.00 6.88  ? 2   VAL B HA   1 
ATOM   178 H HB   . VAL B 1 5 ? -6.283 0.431  0.564  1.00 7.28  ? 2   VAL B HB   1 
ATOM   179 H HG11 . VAL B 1 5 ? -7.080 1.375  2.525  1.00 7.98  ? 2   VAL B HG11 1 
ATOM   180 H HG12 . VAL B 1 5 ? -6.252 2.448  1.695  1.00 7.98  ? 2   VAL B HG12 1 
ATOM   181 H HG13 . VAL B 1 5 ? -7.840 2.486  1.682  1.00 7.98  ? 2   VAL B HG13 1 
ATOM   182 H HG21 . VAL B 1 5 ? -8.309 -0.415 1.413  1.00 9.02  ? 2   VAL B HG21 1 
ATOM   183 H HG22 . VAL B 1 5 ? -9.116 0.625  0.523  1.00 9.02  ? 2   VAL B HG22 1 
ATOM   184 H HG23 . VAL B 1 5 ? -8.290 -0.541 -0.172 1.00 9.02  ? 2   VAL B HG23 1 
HETATM 185 C C1   . MPD C 2 . ? -2.947 -6.830 3.423  1.00 25.63 ? 101 MPD A C1   1 
HETATM 186 C C2   . MPD C 2 . ? -2.244 -6.301 4.678  1.00 25.83 ? 101 MPD A C2   1 
HETATM 187 O O2   . MPD C 2 . ? -1.362 -5.209 4.266  1.00 24.27 ? 101 MPD A O2   1 
HETATM 188 C CM   . MPD C 2 . ? -3.237 -5.638 5.628  1.00 26.56 ? 101 MPD A CM   1 
HETATM 189 C C3   . MPD C 2 . ? -1.491 -7.440 5.387  1.00 26.20 ? 101 MPD A C3   1 
HETATM 190 C C4   . MPD C 2 . ? 0.007  -7.220 5.449  1.00 26.04 ? 101 MPD A C4   1 
HETATM 191 O O4   . MPD C 2 . ? 0.230  -6.238 6.441  1.00 25.93 ? 101 MPD A O4   1 
HETATM 192 C C5   . MPD C 2 . ? 0.713  -8.515 5.838  1.00 25.54 ? 101 MPD A C5   1 
HETATM 193 H H11  . MPD C 2 . ? -2.752 -7.897 3.320  1.00 30.76 ? 101 MPD A H11  1 
HETATM 194 H H12  . MPD C 2 . ? -4.020 -6.663 3.511  1.00 30.76 ? 101 MPD A H12  1 
HETATM 195 H H13  . MPD C 2 . ? -2.568 -6.304 2.546  1.00 30.76 ? 101 MPD A H13  1 
HETATM 196 H HO2  . MPD C 2 . ? -0.441 -5.417 4.528  1.00 29.12 ? 101 MPD A HO2  1 
HETATM 197 H HM1  . MPD C 2 . ? -3.188 -6.125 6.602  1.00 31.87 ? 101 MPD A HM1  1 
HETATM 198 H HM2  . MPD C 2 . ? -2.987 -4.583 5.737  1.00 31.87 ? 101 MPD A HM2  1 
HETATM 199 H HM3  . MPD C 2 . ? -4.245 -5.734 5.224  1.00 31.87 ? 101 MPD A HM3  1 
HETATM 200 H H31  . MPD C 2 . ? -1.691 -8.376 4.865  1.00 31.44 ? 101 MPD A H31  1 
HETATM 201 H H32  . MPD C 2 . ? -1.877 -7.542 6.401  1.00 31.44 ? 101 MPD A H32  1 
HETATM 202 H H4   . MPD C 2 . ? 0.370  -6.879 4.478  1.00 31.25 ? 101 MPD A H4   1 
HETATM 203 H HO4  . MPD C 2 . ? 0.975  -5.663 6.170  1.00 31.11 ? 101 MPD A HO4  1 
HETATM 204 H H51  . MPD C 2 . ? 1.224  -8.378 6.792  1.00 30.65 ? 101 MPD A H51  1 
HETATM 205 H H52  . MPD C 2 . ? 1.441  -8.777 5.071  1.00 30.65 ? 101 MPD A H52  1 
HETATM 206 H H53  . MPD C 2 . ? -0.021 -9.315 5.931  1.00 30.65 ? 101 MPD A H53  1 
HETATM 207 O O    . HOH D 3 . ? -3.131 -1.236 5.264  1.00 12.19 ? 201 HOH A O    1 
HETATM 208 O O    . HOH D 3 . ? 7.376  0.862  0.674  1.00 20.38 ? 202 HOH A O    1 
HETATM 209 O O    . HOH D 3 . ? 8.588  2.144  -0.935 1.00 29.96 ? 203 HOH A O    1 
HETATM 210 O O    . HOH E 3 . ? -8.820 0.780  -3.634 1.00 8.50  ? 101 HOH B O    1 
HETATM 211 O O    . HOH E 3 . ? -6.260 0.215  -4.289 1.00 9.35  ? 102 HOH B O    1 
# 
loop_
_atom_site_anisotrop.id 
_atom_site_anisotrop.type_symbol 
_atom_site_anisotrop.pdbx_label_atom_id 
_atom_site_anisotrop.pdbx_label_alt_id 
_atom_site_anisotrop.pdbx_label_comp_id 
_atom_site_anisotrop.pdbx_label_asym_id 
_atom_site_anisotrop.pdbx_label_seq_id 
_atom_site_anisotrop.pdbx_PDB_ins_code 
_atom_site_anisotrop.U[1][1] 
_atom_site_anisotrop.U[2][2] 
_atom_site_anisotrop.U[3][3] 
_atom_site_anisotrop.U[1][2] 
_atom_site_anisotrop.U[1][3] 
_atom_site_anisotrop.U[2][3] 
_atom_site_anisotrop.pdbx_auth_seq_id 
_atom_site_anisotrop.pdbx_auth_comp_id 
_atom_site_anisotrop.pdbx_auth_asym_id 
_atom_site_anisotrop.pdbx_auth_atom_id 
1   N N   . TYR A 1 ? 0.0337 0.0796 0.0706 0.0205  -0.0111 0.0086  -2  TYR A N   
2   C CA  . TYR A 1 ? 0.0486 0.0741 0.0472 0.0158  -0.0042 -0.0080 -2  TYR A CA  
3   C C   . TYR A 1 ? 0.0496 0.0915 0.0600 0.0189  0.0055  0.0009  -2  TYR A C   
4   O O   . TYR A 1 ? 0.0564 0.0640 0.0853 0.0172  -0.0030 -0.0173 -2  TYR A O   
5   C CB  . TYR A 1 ? 0.0390 0.1137 0.0554 0.0116  0.0018  0.0050  -2  TYR A CB  
6   C CG  . TYR A 1 ? 0.0565 0.0827 0.0723 0.0181  -0.0032 -0.0009 -2  TYR A CG  
7   C CD1 . TYR A 1 ? 0.0738 0.0530 0.0869 0.0183  -0.0110 0.0049  -2  TYR A CD1 
8   C CD2 . TYR A 1 ? 0.0768 0.0957 0.0910 0.0056  -0.0053 0.0249  -2  TYR A CD2 
9   C CE1 . TYR A 1 ? 0.0854 0.1078 0.1018 -0.0050 -0.0209 0.0332  -2  TYR A CE1 
10  C CE2 . TYR A 1 ? 0.0984 0.1059 0.0844 -0.0160 -0.0136 0.0209  -2  TYR A CE2 
11  C CZ  . TYR A 1 ? 0.0994 0.1238 0.0890 -0.0085 -0.0271 0.0307  -2  TYR A CZ  
12  O OH  . TYR A 1 ? 0.1307 0.1374 0.1010 -0.0204 -0.0308 0.0228  -2  TYR A OH  
24  N N   . VAL A 2 ? 0.0588 0.0576 0.0481 -0.0135 0.0005  -0.0092 -1  VAL A N   
25  C CA  . VAL A 2 ? 0.0721 0.0885 0.0523 0.0014  0.0073  -0.0066 -1  VAL A CA  
26  C C   . VAL A 2 ? 0.0321 0.0607 0.0673 0.0178  0.0160  0.0039  -1  VAL A C   
27  O O   . VAL A 2 ? 0.0448 0.0734 0.0665 0.0092  -0.0010 -0.0052 -1  VAL A O   
28  C CB  . VAL A 2 ? 0.0856 0.1218 0.0623 0.0042  0.0091  0.0007  -1  VAL A CB  
29  C CG1 . VAL A 2 ? 0.0951 0.1269 0.0786 -0.0200 0.0043  0.0013  -1  VAL A CG1 
30  C CG2 . VAL A 2 ? 0.1001 0.1309 0.0906 0.0171  0.0123  0.0197  -1  VAL A CG2 
40  N N   . VAL A 3 ? 0.0407 0.0572 0.0714 -0.0178 0.0186  -0.0017 0   VAL A N   
41  C CA  . VAL A 3 ? 0.0598 0.0688 0.0564 -0.0107 0.0191  -0.0323 0   VAL A CA  
42  C C   . VAL A 3 ? 0.0586 0.1077 0.0532 0.0066  0.0059  -0.0049 0   VAL A C   
43  O O   . VAL A 3 ? 0.0543 0.0596 0.0785 -0.0100 0.0114  0.0056  0   VAL A O   
44  C CB  . VAL A 3 ? 0.0779 0.1098 0.0687 -0.0154 0.0330  -0.0339 0   VAL A CB  
45  C CG1 . VAL A 3 ? 0.0829 0.1516 0.0882 -0.0170 0.0439  -0.0157 0   VAL A CG1 
46  C CG2 . VAL A 3 ? 0.0971 0.1339 0.0705 -0.0062 0.0384  -0.0203 0   VAL A CG2 
56  N N   . PHE A 4 ? 0.0441 0.0734 0.0510 0.0144  -0.0133 -0.0088 1   PHE A N   
57  C CA  . PHE A 4 ? 0.0377 0.0611 0.0570 0.0270  0.0017  -0.0024 1   PHE A CA  
58  C C   . PHE A 4 ? 0.0353 0.0551 0.0678 0.0247  0.0032  -0.0040 1   PHE A C   
59  O O   . PHE A 4 ? 0.0667 0.0575 0.0751 0.0121  -0.0137 -0.0033 1   PHE A O   
60  C CB  . PHE A 4 ? 0.0331 0.0585 0.0731 0.0099  0.0071  0.0075  1   PHE A CB  
61  C CG  . PHE A 4 ? 0.0397 0.0599 0.0738 0.0042  0.0101  0.0200  1   PHE A CG  
62  C CD1 . PHE A 4 ? 0.0573 0.0634 0.0818 -0.0119 -0.0053 0.0013  1   PHE A CD1 
63  C CD2 . PHE A 4 ? 0.0475 0.0951 0.0653 -0.0057 -0.0019 0.0175  1   PHE A CD2 
64  C CE1 . PHE A 4 ? 0.0650 0.1146 0.0833 -0.0083 -0.0035 -0.0093 1   PHE A CE1 
65  C CE2 . PHE A 4 ? 0.0473 0.1108 0.0744 0.0002  -0.0030 0.0232  1   PHE A CE2 
66  C CZ  . PHE A 4 ? 0.0597 0.1045 0.0783 -0.0131 -0.0138 0.0169  1   PHE A CZ  
76  N N   . VAL A 5 ? 0.0597 0.0504 0.0794 0.0094  -0.0101 -0.0179 2   VAL A N   
77  C CA  . VAL A 5 ? 0.0944 0.0591 0.0827 0.0201  -0.0236 -0.0261 2   VAL A CA  
78  C C   . VAL A 5 ? 0.0943 0.0915 0.1275 0.0338  -0.0224 -0.0222 2   VAL A C   
79  O O   . VAL A 5 ? 0.1020 0.1178 0.1542 0.0556  -0.0260 -0.0439 2   VAL A O   
80  C CB  . VAL A 5 ? 0.1201 0.0843 0.0763 0.0414  -0.0212 -0.0030 2   VAL A CB  
81  C CG1 . VAL A 5 ? 0.1453 0.0875 0.0530 0.0528  -0.0110 -0.0161 2   VAL A CG1 
82  C CG2 . VAL A 5 ? 0.1422 0.0988 0.0724 0.0498  -0.0240 0.0039  2   VAL A CG2 
83  O OXT . VAL A 5 ? 0.0661 0.0957 0.1132 0.0389  -0.0165 -0.0332 2   VAL A OXT 
93  N N   . TYR B 1 ? 0.1022 0.0592 0.0650 0.0047  0.0052  -0.0135 -2  TYR B N   
94  C CA  . TYR B 1 ? 0.0974 0.0764 0.0735 0.0142  -0.0093 0.0062  -2  TYR B CA  
95  C C   . TYR B 1 ? 0.0836 0.0894 0.0771 0.0134  -0.0063 -0.0049 -2  TYR B C   
96  O O   . TYR B 1 ? 0.0753 0.0938 0.0904 0.0043  -0.0245 -0.0098 -2  TYR B O   
97  C CB  . TYR B 1 ? 0.0946 0.0621 0.0771 0.0357  -0.0024 -0.0008 -2  TYR B CB  
98  C CG  . TYR B 1 ? 0.1082 0.0981 0.0986 0.0150  0.0006  0.0077  -2  TYR B CG  
99  C CD1 . TYR B 1 ? 0.1293 0.1191 0.1290 -0.0142 0.0069  0.0092  -2  TYR B CD1 
100 C CD2 . TYR B 1 ? 0.1149 0.1207 0.0774 0.0104  -0.0104 -0.0141 -2  TYR B CD2 
101 C CE1 . TYR B 1 ? 0.1236 0.1076 0.1291 -0.0220 0.0060  -0.0078 -2  TYR B CE1 
102 C CE2 . TYR B 1 ? 0.1286 0.1232 0.0979 -0.0160 -0.0046 0.0005  -2  TYR B CE2 
103 C CZ  . TYR B 1 ? 0.1290 0.1123 0.1160 -0.0178 0.0006  -0.0090 -2  TYR B CZ  
104 O OH  . TYR B 1 ? 0.1551 0.1125 0.1583 -0.0058 0.0102  0.0103  -2  TYR B OH  
116 N N   . VAL B 2 ? 0.0543 0.0617 0.0527 0.0139  -0.0022 -0.0051 -1  VAL B N   
117 C CA  . VAL B 2 ? 0.0625 0.0584 0.0684 0.0091  -0.0020 0.0126  -1  VAL B CA  
118 C C   . VAL B 2 ? 0.0720 0.0425 0.0747 0.0208  -0.0052 0.0213  -1  VAL B C   
119 O O   . VAL B 2 ? 0.0563 0.0523 0.0835 0.0193  0.0017  0.0126  -1  VAL B O   
120 C CB  . VAL B 2 ? 0.0855 0.1027 0.0965 -0.0239 -0.0118 0.0410  -1  VAL B CB  
121 C CG1 . VAL B 2 ? 0.1049 0.1464 0.1113 -0.0121 -0.0143 0.0453  -1  VAL B CG1 
122 C CG2 . VAL B 2 ? 0.1024 0.1294 0.1011 0.0031  0.0037  0.0472  -1  VAL B CG2 
132 N N   . VAL B 3 ? 0.0617 0.0204 0.0612 -0.0025 -0.0031 -0.0126 0   VAL B N   
133 C CA  . VAL B 3 ? 0.0466 0.0582 0.0724 0.0190  0.0022  -0.0042 0   VAL B CA  
134 C C   . VAL B 3 ? 0.0284 0.0479 0.0647 0.0063  0.0086  -0.0127 0   VAL B C   
135 O O   . VAL B 3 ? 0.0418 0.0586 0.0786 0.0135  0.0052  -0.0106 0   VAL B O   
136 C CB  . VAL B 3 ? 0.0716 0.1166 0.0833 0.0102  -0.0143 0.0026  0   VAL B CB  
137 C CG1 . VAL B 3 ? 0.0673 0.1151 0.1022 0.0108  -0.0001 0.0156  0   VAL B CG1 
138 C CG2 . VAL B 3 ? 0.0999 0.1481 0.1149 0.0011  -0.0121 0.0183  0   VAL B CG2 
148 N N   . PHE B 4 ? 0.0393 0.0393 0.0647 0.0084  0.0034  -0.0057 1   PHE B N   
149 C CA  . PHE B 4 ? 0.0468 0.0503 0.0601 0.0101  0.0103  -0.0101 1   PHE B CA  
150 C C   . PHE B 4 ? 0.0338 0.0706 0.0681 0.0005  0.0068  0.0093  1   PHE B C   
151 O O   . PHE B 4 ? 0.0395 0.0557 0.0928 0.0120  0.0086  0.0039  1   PHE B O   
152 C CB  . PHE B 4 ? 0.0497 0.0940 0.0613 0.0080  -0.0027 0.0019  1   PHE B CB  
153 C CG  . PHE B 4 ? 0.0422 0.0764 0.0600 -0.0026 -0.0064 0.0004  1   PHE B CG  
154 C CD1 . PHE B 4 ? 0.0785 0.0938 0.0756 0.0182  0.0027  0.0079  1   PHE B CD1 
155 C CD2 . PHE B 4 ? 0.0278 0.0923 0.0760 0.0125  -0.0029 0.0117  1   PHE B CD2 
156 C CE1 . PHE B 4 ? 0.0991 0.0437 0.0841 -0.0049 -0.0095 -0.0118 1   PHE B CE1 
157 C CE2 . PHE B 4 ? 0.0476 0.1126 0.0837 0.0158  -0.0195 0.0205  1   PHE B CE2 
158 C CZ  . PHE B 4 ? 0.0795 0.1138 0.0694 0.0106  -0.0145 0.0055  1   PHE B CZ  
168 N N   . VAL B 5 ? 0.0265 0.0627 0.0818 -0.0110 -0.0118 0.0063  2   VAL B N   
169 C CA  . VAL B 5 ? 0.0397 0.0753 0.1028 0.0071  -0.0048 0.0012  2   VAL B CA  
170 C C   . VAL B 5 ? 0.0586 0.0685 0.1264 0.0044  -0.0181 -0.0208 2   VAL B C   
171 O O   . VAL B 5 ? 0.0555 0.0967 0.1571 0.0259  -0.0203 -0.0154 2   VAL B O   
172 C CB  . VAL B 5 ? 0.0409 0.0873 0.1022 0.0022  -0.0098 0.0169  2   VAL B CB  
173 C CG1 . VAL B 5 ? 0.0529 0.1170 0.0827 0.0040  0.0038  0.0063  2   VAL B CG1 
174 C CG2 . VAL B 5 ? 0.0435 0.1390 0.1032 0.0063  -0.0133 0.0296  2   VAL B CG2 
175 O OXT . VAL B 5 ? 0.0573 0.0690 0.1550 0.0067  -0.0230 -0.0011 2   VAL B OXT 
185 C C1  . MPD C . ? 0.3001 0.3710 0.3027 0.0170  -0.0545 0.0234  101 MPD A C1  
186 C C2  . MPD C . ? 0.2928 0.3812 0.3076 0.0336  -0.0383 0.0364  101 MPD A C2  
187 O O2  . MPD C . ? 0.2696 0.3676 0.2850 0.0179  -0.0306 0.0003  101 MPD A O2  
188 C CM  . MPD C . ? 0.3030 0.3980 0.3083 0.0315  -0.0301 0.0467  101 MPD A CM  
189 C C3  . MPD C . ? 0.2944 0.3827 0.3184 0.0492  -0.0458 0.0559  101 MPD A C3  
190 C C4  . MPD C . ? 0.2993 0.3556 0.3346 0.0687  -0.0414 0.0690  101 MPD A C4  
191 O O4  . MPD C . ? 0.3083 0.3118 0.3649 0.0559  -0.0423 0.0800  101 MPD A O4  
192 C C5  . MPD C . ? 0.2915 0.3521 0.3269 0.0899  -0.0357 0.0726  101 MPD A C5  
# 
